data_5T93
#
_entry.id   5T93
#
_cell.length_a   38.459
_cell.length_b   42.118
_cell.length_c   64.995
_cell.angle_alpha   80.66
_cell.angle_beta   86.24
_cell.angle_gamma   63.02
#
_symmetry.space_group_name_H-M   'P 1'
#
loop_
_entity.id
_entity.type
_entity.pdbx_description
1 polymer 'ALT-05 immunoglobulin light chain variable domain from light chain amyloidosis patient'
2 non-polymer 'ZINC ION'
3 non-polymer 'ACETATE ION'
4 water water
#
_entity_poly.entity_id   1
_entity_poly.type   'polypeptide(L)'
_entity_poly.pdbx_seq_one_letter_code
;QSVLTQPPSVSAAPGQTVTISCSGSSSNIGNNYVSWYQHLPGTAPKFLIYDNNKRPSGIPDRFSGFKSGTSATLGITGLQ
TGDEADYYCGTWDSSLSALVFGGGTKLTVL
;
_entity_poly.pdbx_strand_id   A,B,C,D
#
loop_
_chem_comp.id
_chem_comp.type
_chem_comp.name
_chem_comp.formula
ACT non-polymer 'ACETATE ION' 'C2 H3 O2 -1'
ZN non-polymer 'ZINC ION' 'Zn 2'
#
# COMPACT_ATOMS: atom_id res chain seq x y z
N GLN A 1 -9.98 -5.37 32.68
CA GLN A 1 -9.08 -6.19 31.83
C GLN A 1 -9.51 -6.09 30.36
N SER A 2 -8.57 -6.39 29.49
CA SER A 2 -8.80 -6.35 28.05
C SER A 2 -9.33 -7.70 27.56
N VAL A 3 -10.13 -7.64 26.49
CA VAL A 3 -10.69 -8.85 25.89
C VAL A 3 -9.60 -9.71 25.27
N LEU A 4 -8.61 -9.07 24.66
CA LEU A 4 -7.45 -9.74 24.10
C LEU A 4 -6.33 -9.57 25.10
N THR A 5 -5.50 -10.59 25.24
CA THR A 5 -4.53 -10.61 26.32
C THR A 5 -3.13 -10.51 25.75
N GLN A 6 -2.40 -9.49 26.17
CA GLN A 6 -1.01 -9.18 25.86
C GLN A 6 -0.19 -9.08 27.13
N PRO A 7 1.11 -9.37 27.07
CA PRO A 7 1.96 -9.13 28.21
C PRO A 7 2.09 -7.64 28.45
N PRO A 8 2.13 -7.19 29.70
CA PRO A 8 2.20 -5.76 29.97
C PRO A 8 3.47 -5.12 29.45
N SER A 9 4.56 -5.89 29.35
CA SER A 9 5.82 -5.29 28.96
C SER A 9 6.75 -6.34 28.39
N VAL A 10 7.59 -5.87 27.48
CA VAL A 10 8.65 -6.63 26.84
C VAL A 10 9.84 -5.71 26.72
N SER A 11 11.04 -6.30 26.81
CA SER A 11 12.28 -5.54 26.77
CA SER A 11 12.27 -5.52 26.74
C SER A 11 13.36 -6.36 26.09
N ALA A 12 14.21 -5.67 25.34
CA ALA A 12 15.39 -6.30 24.72
C ALA A 12 16.35 -5.21 24.29
N ALA A 13 17.48 -5.61 23.75
CA ALA A 13 18.51 -4.66 23.42
C ALA A 13 18.54 -4.38 21.93
N PRO A 14 19.13 -3.24 21.52
CA PRO A 14 19.21 -2.94 20.09
C PRO A 14 19.80 -4.09 19.27
N GLY A 15 19.17 -4.37 18.15
CA GLY A 15 19.62 -5.40 17.25
C GLY A 15 18.98 -6.75 17.50
N GLN A 16 18.34 -6.92 18.64
CA GLN A 16 17.72 -8.18 18.98
C GLN A 16 16.27 -8.23 18.46
N THR A 17 15.70 -9.44 18.47
CA THR A 17 14.33 -9.69 18.06
C THR A 17 13.39 -9.66 19.27
N VAL A 18 12.21 -9.06 19.11
CA VAL A 18 11.16 -9.08 20.13
C VAL A 18 9.93 -9.66 19.46
N THR A 19 9.16 -10.43 20.22
CA THR A 19 7.84 -10.81 19.77
C THR A 19 6.86 -10.43 20.86
N ILE A 20 5.66 -10.06 20.43
CA ILE A 20 4.60 -9.64 21.33
C ILE A 20 3.38 -10.50 21.03
N SER A 21 2.94 -11.24 22.03
CA SER A 21 1.83 -12.15 21.89
C SER A 21 0.51 -11.43 22.17
N CYS A 22 -0.55 -12.00 21.60
CA CYS A 22 -1.89 -11.49 21.79
C CYS A 22 -2.84 -12.69 21.77
N SER A 23 -3.52 -12.97 22.88
CA SER A 23 -4.33 -14.17 23.01
C SER A 23 -5.82 -13.81 23.04
N GLY A 24 -6.64 -14.60 22.34
CA GLY A 24 -8.04 -14.32 22.23
C GLY A 24 -8.85 -15.60 22.16
N SER A 25 -9.98 -15.54 21.46
CA SER A 25 -10.95 -16.62 21.35
C SER A 25 -11.26 -16.88 19.90
N SER A 26 -12.04 -17.94 19.67
CA SER A 26 -12.37 -18.31 18.31
C SER A 26 -13.24 -17.24 17.65
N SER A 27 -13.98 -16.50 18.46
CA SER A 27 -14.89 -15.44 18.02
C SER A 27 -14.14 -14.23 17.45
N ASN A 28 -12.95 -13.95 17.98
CA ASN A 28 -12.20 -12.78 17.60
C ASN A 28 -10.96 -13.25 16.85
N ILE A 29 -9.85 -13.50 17.51
CA ILE A 29 -8.60 -13.79 16.79
C ILE A 29 -8.72 -15.05 15.94
N GLY A 30 -9.45 -16.05 16.43
CA GLY A 30 -9.56 -17.30 15.69
C GLY A 30 -10.11 -17.12 14.27
N ASN A 31 -11.16 -16.31 14.12
CA ASN A 31 -11.92 -16.19 12.89
C ASN A 31 -11.73 -14.87 12.15
N ASN A 32 -10.95 -13.95 12.69
CA ASN A 32 -10.95 -12.58 12.16
C ASN A 32 -9.53 -12.05 12.00
N TYR A 33 -9.40 -11.09 11.07
CA TYR A 33 -8.13 -10.46 10.75
C TYR A 33 -7.62 -9.61 11.90
N VAL A 34 -6.36 -9.81 12.26
CA VAL A 34 -5.74 -9.11 13.38
C VAL A 34 -4.92 -7.94 12.85
N SER A 35 -5.03 -6.79 13.52
CA SER A 35 -4.16 -5.66 13.25
CA SER A 35 -4.23 -5.60 13.28
C SER A 35 -3.35 -5.29 14.48
N TRP A 36 -2.24 -4.61 14.23
CA TRP A 36 -1.35 -4.09 15.27
C TRP A 36 -1.00 -2.62 15.04
N TYR A 37 -0.92 -1.86 16.11
CA TYR A 37 -0.41 -0.50 16.01
C TYR A 37 0.44 -0.16 17.22
N GLN A 38 1.24 0.91 17.08
CA GLN A 38 2.11 1.41 18.13
C GLN A 38 1.78 2.87 18.43
N HIS A 39 1.94 3.25 19.69
CA HIS A 39 1.87 4.65 20.06
C HIS A 39 2.81 4.95 21.22
N LEU A 40 3.70 5.92 21.03
CA LEU A 40 4.54 6.50 22.07
C LEU A 40 4.02 7.88 22.41
N PRO A 41 3.74 8.18 23.67
CA PRO A 41 3.30 9.54 24.02
C PRO A 41 4.15 10.60 23.35
N GLY A 42 3.47 11.57 22.71
CA GLY A 42 4.14 12.66 22.03
C GLY A 42 4.30 12.50 20.53
N THR A 43 3.97 11.35 19.97
CA THR A 43 4.16 11.12 18.55
C THR A 43 2.92 10.43 18.01
N ALA A 44 2.83 10.32 16.69
CA ALA A 44 1.59 9.86 16.13
C ALA A 44 1.45 8.36 16.38
N PRO A 45 0.25 7.87 16.71
CA PRO A 45 -0.03 6.42 16.60
C PRO A 45 0.11 5.97 15.15
N LYS A 46 0.57 4.74 14.94
CA LYS A 46 0.81 4.25 13.60
C LYS A 46 0.52 2.76 13.50
N PHE A 47 -0.20 2.36 12.48
CA PHE A 47 -0.48 0.96 12.23
C PHE A 47 0.73 0.26 11.65
N LEU A 48 0.95 -0.97 12.08
CA LEU A 48 2.12 -1.72 11.63
C LEU A 48 1.79 -2.98 10.86
N ILE A 49 0.68 -3.62 11.19
CA ILE A 49 0.26 -4.86 10.57
C ILE A 49 -1.26 -4.83 10.49
N TYR A 50 -1.79 -5.46 9.44
CA TYR A 50 -3.22 -5.62 9.25
C TYR A 50 -3.44 -6.93 8.48
N ASP A 51 -4.68 -7.39 8.48
CA ASP A 51 -5.01 -8.67 7.88
C ASP A 51 -3.98 -9.76 8.22
N ASN A 52 -3.64 -9.81 9.53
CA ASN A 52 -2.80 -10.82 10.20
C ASN A 52 -1.30 -10.62 9.96
N ASN A 53 -0.90 -10.32 8.71
CA ASN A 53 0.50 -10.40 8.33
C ASN A 53 0.90 -9.39 7.26
N LYS A 54 0.01 -8.45 6.90
CA LYS A 54 0.29 -7.47 5.84
C LYS A 54 0.78 -6.18 6.44
N ARG A 55 1.69 -5.50 5.72
CA ARG A 55 2.29 -4.24 6.14
C ARG A 55 1.76 -3.04 5.36
N PRO A 56 1.20 -2.03 6.03
CA PRO A 56 0.94 -0.75 5.37
C PRO A 56 2.15 -0.29 4.57
N SER A 57 1.88 0.46 3.52
CA SER A 57 2.95 1.09 2.77
C SER A 57 3.78 1.94 3.71
N GLY A 58 5.08 1.70 3.75
CA GLY A 58 5.97 2.51 4.55
C GLY A 58 6.44 1.82 5.81
N ILE A 59 5.83 0.71 6.18
CA ILE A 59 6.31 -0.07 7.29
C ILE A 59 7.38 -1.03 6.78
N PRO A 60 8.55 -1.06 7.41
CA PRO A 60 9.63 -1.90 6.92
C PRO A 60 9.45 -3.36 7.29
N ASP A 61 10.23 -4.21 6.63
CA ASP A 61 10.06 -5.64 6.82
C ASP A 61 10.63 -6.16 8.14
N ARG A 62 11.24 -5.29 8.97
CA ARG A 62 11.56 -5.64 10.36
C ARG A 62 10.34 -6.04 11.15
N PHE A 63 9.17 -5.58 10.74
CA PHE A 63 7.93 -5.85 11.44
C PHE A 63 7.22 -6.96 10.67
N SER A 64 6.61 -7.88 11.40
CA SER A 64 5.81 -8.90 10.73
C SER A 64 4.78 -9.41 11.71
N GLY A 65 3.76 -10.09 11.17
CA GLY A 65 2.74 -10.67 11.99
C GLY A 65 2.48 -12.11 11.60
N PHE A 66 2.05 -12.91 12.57
CA PHE A 66 1.71 -14.30 12.37
C PHE A 66 0.53 -14.59 13.26
N LYS A 67 -0.48 -15.25 12.72
CA LYS A 67 -1.64 -15.67 13.50
C LYS A 67 -1.87 -17.15 13.23
N SER A 68 -2.08 -17.91 14.32
CA SER A 68 -2.38 -19.34 14.26
C SER A 68 -3.28 -19.66 15.42
N GLY A 69 -4.41 -20.33 15.15
CA GLY A 69 -5.33 -20.62 16.24
C GLY A 69 -5.94 -19.34 16.75
N THR A 70 -5.98 -19.21 18.08
CA THR A 70 -6.58 -18.08 18.77
C THR A 70 -5.53 -17.13 19.32
N SER A 71 -4.34 -17.09 18.75
CA SER A 71 -3.28 -16.19 19.20
C SER A 71 -2.59 -15.58 17.97
N ALA A 72 -2.19 -14.32 18.10
CA ALA A 72 -1.45 -13.61 17.07
C ALA A 72 -0.19 -13.06 17.71
N THR A 73 0.84 -12.89 16.88
CA THR A 73 2.12 -12.38 17.35
C THR A 73 2.65 -11.35 16.37
N LEU A 74 3.18 -10.27 16.96
CA LEU A 74 3.96 -9.26 16.26
C LEU A 74 5.43 -9.53 16.53
N GLY A 75 6.19 -9.67 15.45
CA GLY A 75 7.63 -9.81 15.53
C GLY A 75 8.31 -8.53 15.06
N ILE A 76 9.35 -8.15 15.78
CA ILE A 76 10.17 -7.00 15.44
C ILE A 76 11.62 -7.50 15.45
N THR A 77 12.29 -7.47 14.30
CA THR A 77 13.72 -7.74 14.23
C THR A 77 14.51 -6.41 14.16
N GLY A 78 15.82 -6.49 14.40
CA GLY A 78 16.65 -5.30 14.33
C GLY A 78 16.16 -4.20 15.25
N LEU A 79 15.78 -4.56 16.46
CA LEU A 79 15.17 -3.60 17.38
C LEU A 79 15.98 -2.31 17.44
N GLN A 80 15.29 -1.21 17.23
CA GLN A 80 15.87 0.12 17.31
C GLN A 80 15.28 0.88 18.49
N THR A 81 16.07 1.83 19.00
CA THR A 81 15.60 2.67 20.09
C THR A 81 14.32 3.41 19.72
N GLY A 82 14.13 3.70 18.44
CA GLY A 82 12.90 4.30 17.98
C GLY A 82 11.69 3.40 18.01
N ASP A 83 11.86 2.13 18.35
CA ASP A 83 10.74 1.21 18.48
C ASP A 83 10.12 1.23 19.87
N GLU A 84 10.64 2.03 20.79
CA GLU A 84 10.01 2.14 22.10
C GLU A 84 8.63 2.75 21.96
N ALA A 85 7.63 2.08 22.54
CA ALA A 85 6.25 2.51 22.39
C ALA A 85 5.35 1.49 23.03
N ASP A 86 4.09 1.84 23.21
CA ASP A 86 3.05 0.88 23.54
C ASP A 86 2.47 0.26 22.27
N TYR A 87 2.37 -1.06 22.26
CA TYR A 87 1.93 -1.84 21.11
C TYR A 87 0.62 -2.54 21.44
N TYR A 88 -0.31 -2.53 20.49
CA TYR A 88 -1.68 -3.00 20.70
C TYR A 88 -2.14 -3.87 19.53
N CYS A 89 -2.80 -4.99 19.84
CA CYS A 89 -3.44 -5.82 18.83
C CYS A 89 -4.94 -5.58 18.87
N GLY A 90 -5.58 -5.75 17.74
CA GLY A 90 -7.01 -5.50 17.69
C GLY A 90 -7.64 -6.37 16.64
N THR A 91 -8.94 -6.64 16.79
CA THR A 91 -9.64 -7.51 15.84
C THR A 91 -11.12 -7.39 16.08
N TRP A 92 -11.88 -7.89 15.11
CA TRP A 92 -13.34 -7.98 15.23
C TRP A 92 -13.75 -9.17 16.07
N ASP A 93 -14.73 -8.99 16.91
CA ASP A 93 -15.28 -10.10 17.67
C ASP A 93 -16.66 -10.38 17.12
N SER A 94 -16.79 -11.54 16.48
CA SER A 94 -18.02 -11.94 15.84
C SER A 94 -19.15 -12.08 16.85
N SER A 95 -18.81 -12.46 18.09
CA SER A 95 -19.85 -12.70 19.09
C SER A 95 -20.38 -11.40 19.66
N LEU A 96 -19.52 -10.41 19.77
CA LEU A 96 -19.90 -9.13 20.33
C LEU A 96 -20.33 -8.13 19.27
N SER A 97 -20.22 -8.50 17.99
CA SER A 97 -20.27 -7.57 16.86
C SER A 97 -19.60 -6.25 17.25
N ALA A 98 -18.29 -6.29 17.44
CA ALA A 98 -17.58 -5.11 17.91
C ALA A 98 -16.09 -5.37 17.76
N LEU A 99 -15.33 -4.31 17.56
CA LEU A 99 -13.87 -4.42 17.58
C LEU A 99 -13.42 -4.57 19.02
N VAL A 100 -12.40 -5.40 19.24
CA VAL A 100 -11.79 -5.54 20.56
C VAL A 100 -10.28 -5.39 20.40
N PHE A 101 -9.63 -4.99 21.50
CA PHE A 101 -8.21 -4.68 21.52
C PHE A 101 -7.55 -5.34 22.72
N GLY A 102 -6.26 -5.60 22.59
CA GLY A 102 -5.43 -5.94 23.72
C GLY A 102 -5.26 -4.74 24.63
N GLY A 103 -4.72 -5.00 25.83
CA GLY A 103 -4.48 -3.97 26.81
C GLY A 103 -3.15 -3.26 26.67
N GLY A 104 -2.33 -3.64 25.67
CA GLY A 104 -1.12 -2.92 25.41
C GLY A 104 0.10 -3.55 26.03
N THR A 105 1.19 -3.54 25.29
CA THR A 105 2.50 -4.01 25.74
C THR A 105 3.47 -2.84 25.59
N LYS A 106 4.12 -2.45 26.68
CA LYS A 106 5.14 -1.42 26.67
C LYS A 106 6.47 -2.05 26.27
N LEU A 107 7.05 -1.59 25.17
CA LEU A 107 8.34 -2.10 24.72
C LEU A 107 9.46 -1.17 25.18
N THR A 108 10.41 -1.74 25.92
CA THR A 108 11.56 -1.05 26.48
C THR A 108 12.82 -1.53 25.77
N VAL A 109 13.59 -0.62 25.21
CA VAL A 109 14.87 -0.96 24.61
C VAL A 109 15.93 -0.70 25.64
N LEU A 110 16.75 -1.71 25.89
CA LEU A 110 17.72 -1.66 26.99
C LEU A 110 19.11 -1.40 26.46
N GLN B 1 22.24 3.61 -22.21
CA GLN B 1 21.61 4.74 -21.45
C GLN B 1 20.09 4.80 -21.57
N SER B 2 19.45 5.01 -20.44
CA SER B 2 17.99 5.10 -20.37
C SER B 2 17.46 6.13 -21.36
N VAL B 3 16.30 5.84 -21.96
CA VAL B 3 15.63 6.84 -22.79
C VAL B 3 15.15 8.02 -21.94
N LEU B 4 14.54 7.74 -20.78
CA LEU B 4 14.14 8.76 -19.84
C LEU B 4 15.18 8.87 -18.75
N THR B 5 15.45 10.08 -18.27
CA THR B 5 16.57 10.29 -17.35
C THR B 5 16.06 10.62 -15.97
N GLN B 6 16.55 9.87 -14.98
CA GLN B 6 16.22 9.97 -13.58
C GLN B 6 17.52 10.07 -12.79
N PRO B 7 17.54 10.81 -11.69
CA PRO B 7 18.71 10.77 -10.80
C PRO B 7 18.96 9.35 -10.34
N PRO B 8 20.22 8.92 -10.22
CA PRO B 8 20.47 7.53 -9.82
C PRO B 8 20.03 7.21 -8.40
N SER B 9 20.12 8.16 -7.49
CA SER B 9 19.79 7.90 -6.09
C SER B 9 19.37 9.22 -5.47
N VAL B 10 18.47 9.12 -4.51
CA VAL B 10 18.06 10.24 -3.66
C VAL B 10 17.94 9.71 -2.23
N SER B 11 17.97 10.62 -1.25
CA SER B 11 17.81 10.21 0.14
C SER B 11 17.30 11.37 1.00
N ALA B 12 16.55 11.03 2.02
CA ALA B 12 16.06 12.02 2.94
C ALA B 12 15.76 11.29 4.24
N ALA B 13 15.42 12.04 5.23
CA ALA B 13 15.10 11.48 6.54
C ALA B 13 13.62 11.21 6.67
N PRO B 14 13.23 10.32 7.59
CA PRO B 14 11.81 10.12 7.85
C PRO B 14 11.12 11.43 8.14
N GLY B 15 9.90 11.56 7.62
CA GLY B 15 9.10 12.75 7.77
C GLY B 15 9.24 13.75 6.66
N GLN B 16 10.30 13.65 5.87
CA GLN B 16 10.59 14.63 4.84
C GLN B 16 9.89 14.29 3.53
N THR B 17 9.80 15.29 2.65
CA THR B 17 9.20 15.10 1.34
C THR B 17 10.34 14.95 0.34
N VAL B 18 10.24 13.90 -0.48
CA VAL B 18 11.21 13.60 -1.52
C VAL B 18 10.53 13.79 -2.86
N THR B 19 11.27 14.32 -3.83
CA THR B 19 10.78 14.45 -5.20
C THR B 19 11.81 13.79 -6.09
N ILE B 20 11.31 13.05 -7.06
CA ILE B 20 12.10 12.25 -7.98
C ILE B 20 11.73 12.70 -9.37
N SER B 21 12.71 13.19 -10.11
CA SER B 21 12.44 13.77 -11.42
C SER B 21 12.56 12.74 -12.54
N CYS B 22 11.85 13.02 -13.63
CA CYS B 22 11.93 12.18 -14.81
C CYS B 22 11.97 13.09 -16.03
N SER B 23 13.03 13.00 -16.83
CA SER B 23 13.23 13.88 -17.98
C SER B 23 13.13 13.15 -19.32
N GLY B 24 12.35 13.71 -20.24
CA GLY B 24 12.23 13.09 -21.54
C GLY B 24 12.22 14.07 -22.70
N SER B 25 11.50 13.69 -23.74
CA SER B 25 11.46 14.45 -25.00
C SER B 25 10.03 14.73 -25.41
N SER B 26 9.90 15.54 -26.47
CA SER B 26 8.60 15.82 -27.05
CA SER B 26 8.59 15.81 -27.04
C SER B 26 7.92 14.56 -27.58
N SER B 27 8.68 13.50 -27.84
CA SER B 27 8.10 12.28 -28.38
CA SER B 27 8.06 12.31 -28.38
C SER B 27 7.49 11.41 -27.31
N ASN B 28 8.02 11.45 -26.08
CA ASN B 28 7.53 10.56 -25.04
C ASN B 28 6.82 11.41 -24.00
N ILE B 29 7.50 11.86 -22.95
CA ILE B 29 6.81 12.60 -21.89
C ILE B 29 6.03 13.78 -22.45
N GLY B 30 6.53 14.42 -23.52
CA GLY B 30 5.90 15.62 -24.02
C GLY B 30 4.49 15.43 -24.52
N ASN B 31 4.18 14.26 -25.05
CA ASN B 31 2.89 14.01 -25.66
CA ASN B 31 2.86 14.03 -25.64
C ASN B 31 2.16 12.81 -25.07
N ASN B 32 2.69 12.18 -24.02
CA ASN B 32 2.11 10.94 -23.51
C ASN B 32 2.02 10.97 -21.99
N TYR B 33 1.17 10.07 -21.47
CA TYR B 33 0.95 9.93 -20.03
C TYR B 33 2.11 9.21 -19.34
N VAL B 34 2.36 9.62 -18.11
CA VAL B 34 3.49 9.09 -17.37
C VAL B 34 2.94 8.28 -16.20
N SER B 35 3.62 7.19 -15.91
CA SER B 35 3.31 6.36 -14.77
C SER B 35 4.59 6.08 -14.01
N TRP B 36 4.43 5.74 -12.73
CA TRP B 36 5.51 5.45 -11.81
C TRP B 36 5.26 4.11 -11.11
N TYR B 37 6.30 3.30 -10.93
CA TYR B 37 6.17 2.16 -10.04
C TYR B 37 7.40 2.05 -9.17
N GLN B 38 7.24 1.37 -8.04
CA GLN B 38 8.32 1.11 -7.11
C GLN B 38 8.58 -0.39 -7.10
N HIS B 39 9.83 -0.74 -6.92
CA HIS B 39 10.21 -2.13 -6.71
C HIS B 39 11.30 -2.17 -5.65
N LEU B 40 10.96 -2.69 -4.48
CA LEU B 40 11.97 -3.12 -3.54
C LEU B 40 12.28 -4.59 -3.81
N PRO B 41 13.49 -4.94 -4.21
CA PRO B 41 13.83 -6.35 -4.44
C PRO B 41 13.39 -7.24 -3.29
N GLY B 42 12.84 -8.38 -3.64
CA GLY B 42 12.32 -9.32 -2.67
C GLY B 42 10.85 -9.15 -2.39
N THR B 43 10.21 -8.17 -2.97
CA THR B 43 8.82 -7.84 -2.71
C THR B 43 8.17 -7.47 -4.03
N ALA B 44 6.84 -7.44 -4.04
CA ALA B 44 6.10 -7.20 -5.27
C ALA B 44 6.38 -5.81 -5.80
N PRO B 45 6.66 -5.65 -7.06
CA PRO B 45 6.66 -4.30 -7.59
C PRO B 45 5.22 -3.80 -7.59
N LYS B 46 5.09 -2.49 -7.46
CA LYS B 46 3.76 -1.89 -7.35
C LYS B 46 3.66 -0.57 -8.10
N PHE B 47 2.60 -0.40 -8.89
CA PHE B 47 2.41 0.89 -9.54
C PHE B 47 1.85 1.91 -8.56
N LEU B 48 2.38 3.13 -8.64
CA LEU B 48 2.05 4.21 -7.73
C LEU B 48 1.24 5.31 -8.38
N ILE B 49 1.56 5.66 -9.62
CA ILE B 49 0.94 6.77 -10.31
C ILE B 49 0.82 6.38 -11.76
N TYR B 50 -0.26 6.82 -12.38
CA TYR B 50 -0.49 6.61 -13.82
C TYR B 50 -1.27 7.80 -14.33
N ASP B 51 -1.36 7.95 -15.65
CA ASP B 51 -2.02 9.10 -16.26
C ASP B 51 -1.55 10.41 -15.61
N ASN B 52 -0.22 10.50 -15.41
CA ASN B 52 0.50 11.66 -14.91
C ASN B 52 0.33 11.85 -13.40
N ASN B 53 -0.92 11.79 -12.88
CA ASN B 53 -1.20 12.22 -11.51
C ASN B 53 -2.27 11.37 -10.81
N LYS B 54 -2.75 10.29 -11.40
CA LYS B 54 -3.72 9.43 -10.75
C LYS B 54 -3.07 8.34 -9.93
N ARG B 55 -3.71 8.01 -8.81
CA ARG B 55 -3.28 6.97 -7.90
CA ARG B 55 -3.28 6.96 -7.93
C ARG B 55 -4.15 5.73 -8.07
N PRO B 56 -3.56 4.54 -8.24
CA PRO B 56 -4.36 3.32 -8.20
C PRO B 56 -5.03 3.18 -6.84
N SER B 57 -6.13 2.44 -6.83
CA SER B 57 -6.78 2.16 -5.56
CA SER B 57 -6.78 2.15 -5.56
C SER B 57 -5.81 1.44 -4.64
N GLY B 58 -5.79 1.84 -3.38
CA GLY B 58 -4.91 1.26 -2.42
C GLY B 58 -3.63 2.04 -2.19
N ILE B 59 -3.32 3.00 -3.05
CA ILE B 59 -2.09 3.77 -2.94
C ILE B 59 -2.39 5.02 -2.11
N PRO B 60 -1.69 5.25 -1.01
CA PRO B 60 -2.03 6.41 -0.17
C PRO B 60 -1.64 7.71 -0.87
N ASP B 61 -2.41 8.76 -0.62
CA ASP B 61 -2.18 10.06 -1.25
C ASP B 61 -0.89 10.72 -0.80
N ARG B 62 -0.08 10.05 0.04
CA ARG B 62 1.33 10.39 0.24
C ARG B 62 2.12 10.49 -1.05
N PHE B 63 1.71 9.74 -2.05
CA PHE B 63 2.37 9.69 -3.34
C PHE B 63 1.58 10.55 -4.30
N SER B 64 2.29 11.44 -4.99
CA SER B 64 1.63 12.25 -6.00
C SER B 64 2.57 12.40 -7.18
N GLY B 65 1.96 12.78 -8.29
CA GLY B 65 2.66 12.90 -9.54
C GLY B 65 2.38 14.24 -10.18
N PHE B 66 3.39 14.76 -10.86
CA PHE B 66 3.25 16.01 -11.61
C PHE B 66 3.99 15.86 -12.94
N LYS B 67 3.44 16.47 -13.99
CA LYS B 67 4.04 16.39 -15.33
C LYS B 67 3.84 17.75 -15.95
N SER B 68 4.89 18.28 -16.52
CA SER B 68 4.83 19.58 -17.14
C SER B 68 5.85 19.61 -18.26
N GLY B 69 5.40 19.93 -19.46
CA GLY B 69 6.31 19.88 -20.60
C GLY B 69 6.81 18.48 -20.91
N THR B 70 8.12 18.30 -20.94
CA THR B 70 8.72 17.00 -21.21
C THR B 70 9.34 16.38 -19.97
N SER B 71 8.98 16.87 -18.77
CA SER B 71 9.51 16.34 -17.52
C SER B 71 8.37 15.92 -16.60
N ALA B 72 8.63 14.91 -15.76
CA ALA B 72 7.65 14.49 -14.78
C ALA B 72 8.34 14.28 -13.44
N THR B 73 7.55 14.36 -12.37
CA THR B 73 8.08 14.21 -11.03
C THR B 73 7.14 13.36 -10.17
N LEU B 74 7.74 12.53 -9.34
CA LEU B 74 7.05 11.81 -8.28
C LEU B 74 7.35 12.46 -6.93
N GLY B 75 6.32 12.69 -6.15
CA GLY B 75 6.47 13.22 -4.78
C GLY B 75 6.13 12.16 -3.77
N ILE B 76 6.95 12.07 -2.72
CA ILE B 76 6.70 11.18 -1.57
C ILE B 76 6.68 12.08 -0.34
N THR B 77 5.49 12.37 0.22
CA THR B 77 5.42 13.12 1.47
C THR B 77 5.40 12.15 2.63
N GLY B 78 5.84 12.64 3.79
CA GLY B 78 5.85 11.86 5.00
C GLY B 78 6.68 10.63 4.83
N LEU B 79 7.87 10.79 4.26
CA LEU B 79 8.77 9.67 3.99
C LEU B 79 8.85 8.73 5.18
N GLN B 80 8.73 7.42 4.92
CA GLN B 80 8.96 6.40 5.93
C GLN B 80 9.98 5.37 5.47
N THR B 81 10.57 4.67 6.44
CA THR B 81 11.69 3.83 6.11
C THR B 81 11.29 2.66 5.22
N GLY B 82 10.02 2.32 5.16
CA GLY B 82 9.56 1.30 4.25
C GLY B 82 9.32 1.75 2.83
N ASP B 83 9.60 3.03 2.56
CA ASP B 83 9.57 3.56 1.20
C ASP B 83 10.87 3.30 0.47
N GLU B 84 11.90 2.81 1.16
CA GLU B 84 13.13 2.43 0.47
C GLU B 84 12.78 1.45 -0.65
N ALA B 85 13.23 1.78 -1.86
CA ALA B 85 12.92 0.97 -3.02
C ALA B 85 13.59 1.67 -4.19
N ASP B 86 13.57 1.02 -5.36
CA ASP B 86 13.90 1.68 -6.62
C ASP B 86 12.62 2.17 -7.26
N TYR B 87 12.66 3.38 -7.82
CA TYR B 87 11.47 4.02 -8.38
C TYR B 87 11.68 4.30 -9.86
N TYR B 88 10.67 3.98 -10.68
CA TYR B 88 10.82 4.10 -12.14
C TYR B 88 9.68 4.91 -12.73
N CYS B 89 9.99 5.74 -13.72
CA CYS B 89 8.98 6.37 -14.53
C CYS B 89 8.96 5.72 -15.90
N GLY B 90 7.81 5.76 -16.53
CA GLY B 90 7.67 5.22 -17.87
C GLY B 90 6.56 5.94 -18.61
N THR B 91 6.63 5.85 -19.94
CA THR B 91 5.60 6.43 -20.80
C THR B 91 5.74 5.83 -22.19
N TRP B 92 4.76 6.16 -23.05
CA TRP B 92 4.81 5.77 -24.45
C TRP B 92 5.67 6.76 -25.21
N ASP B 93 6.44 6.24 -26.16
CA ASP B 93 7.26 7.05 -27.05
C ASP B 93 6.62 6.97 -28.43
N SER B 94 6.05 8.08 -28.87
CA SER B 94 5.36 8.14 -30.15
C SER B 94 6.29 7.95 -31.35
N SER B 95 7.60 8.16 -31.20
CA SER B 95 8.52 7.92 -32.32
C SER B 95 8.97 6.46 -32.41
N LEU B 96 9.26 5.85 -31.26
CA LEU B 96 9.65 4.44 -31.24
C LEU B 96 8.45 3.52 -31.36
N SER B 97 7.25 4.03 -31.09
CA SER B 97 6.04 3.22 -30.98
C SER B 97 6.25 2.09 -29.98
N ALA B 98 6.68 2.46 -28.78
CA ALA B 98 6.99 1.51 -27.72
C ALA B 98 7.03 2.25 -26.39
N LEU B 99 6.86 1.50 -25.32
CA LEU B 99 7.06 2.07 -23.99
C LEU B 99 8.53 2.28 -23.72
N VAL B 100 8.84 3.37 -23.03
CA VAL B 100 10.20 3.65 -22.62
C VAL B 100 10.16 3.99 -21.15
N PHE B 101 11.26 3.70 -20.46
CA PHE B 101 11.36 3.85 -19.01
C PHE B 101 12.61 4.62 -18.64
N GLY B 102 12.59 5.20 -17.45
CA GLY B 102 13.80 5.73 -16.86
C GLY B 102 14.71 4.62 -16.35
N GLY B 103 15.93 5.02 -15.98
CA GLY B 103 16.92 4.10 -15.43
C GLY B 103 16.68 3.74 -13.97
N GLY B 104 15.73 4.38 -13.30
CA GLY B 104 15.43 4.09 -11.91
C GLY B 104 16.21 4.98 -10.97
N THR B 105 15.59 5.26 -9.82
CA THR B 105 16.19 6.06 -8.76
C THR B 105 16.13 5.22 -7.50
N LYS B 106 17.29 4.97 -6.89
CA LYS B 106 17.35 4.30 -5.59
C LYS B 106 17.06 5.30 -4.49
N LEU B 107 16.13 4.96 -3.62
CA LEU B 107 15.75 5.83 -2.52
C LEU B 107 16.24 5.24 -1.21
N THR B 108 17.01 6.01 -0.46
CA THR B 108 17.47 5.63 0.86
C THR B 108 16.90 6.57 1.90
N VAL B 109 16.33 6.00 2.95
CA VAL B 109 15.84 6.79 4.07
C VAL B 109 16.93 6.79 5.12
N LEU B 110 17.29 7.98 5.60
CA LEU B 110 18.42 8.14 6.53
C LEU B 110 18.02 8.03 8.01
N GLN C 1 -22.63 -2.12 23.85
CA GLN C 1 -22.70 -0.77 23.20
C GLN C 1 -21.40 0.00 23.40
N SER C 2 -20.97 0.76 22.38
CA SER C 2 -19.66 1.38 22.46
C SER C 2 -19.65 2.51 23.49
N VAL C 3 -18.48 2.71 24.10
CA VAL C 3 -18.31 3.72 25.14
C VAL C 3 -18.47 5.12 24.57
N LEU C 4 -17.92 5.34 23.37
CA LEU C 4 -18.03 6.60 22.65
C LEU C 4 -19.04 6.44 21.54
N THR C 5 -19.87 7.46 21.34
CA THR C 5 -21.01 7.36 20.44
C THR C 5 -20.74 8.18 19.17
N GLN C 6 -20.77 7.49 18.02
CA GLN C 6 -20.64 8.05 16.69
C GLN C 6 -21.88 7.74 15.88
N PRO C 7 -22.27 8.59 14.94
CA PRO C 7 -23.33 8.20 13.96
C PRO C 7 -22.96 6.92 13.23
N PRO C 8 -23.90 6.01 12.99
CA PRO C 8 -23.55 4.80 12.25
C PRO C 8 -23.04 5.05 10.83
N SER C 9 -23.60 6.01 10.09
CA SER C 9 -23.16 6.26 8.71
C SER C 9 -23.29 7.74 8.38
N VAL C 10 -22.49 8.19 7.41
CA VAL C 10 -22.61 9.52 6.83
C VAL C 10 -22.36 9.41 5.33
N SER C 11 -22.88 10.37 4.58
CA SER C 11 -22.77 10.33 3.12
C SER C 11 -22.71 11.73 2.55
N ALA C 12 -21.91 11.89 1.50
CA ALA C 12 -21.74 13.17 0.84
C ALA C 12 -21.18 12.92 -0.55
N ALA C 13 -21.33 13.93 -1.40
CA ALA C 13 -20.80 13.89 -2.75
C ALA C 13 -19.32 14.31 -2.77
N PRO C 14 -18.56 13.82 -3.75
CA PRO C 14 -17.19 14.30 -3.93
C PRO C 14 -17.16 15.81 -3.99
N GLY C 15 -16.14 16.38 -3.35
CA GLY C 15 -15.93 17.80 -3.27
C GLY C 15 -16.57 18.45 -2.06
N GLN C 16 -17.55 17.80 -1.44
CA GLN C 16 -18.21 18.38 -0.30
C GLN C 16 -17.40 18.16 0.96
N THR C 17 -17.90 18.74 2.04
CA THR C 17 -17.31 18.62 3.36
C THR C 17 -18.16 17.65 4.17
N VAL C 18 -17.51 16.77 4.90
CA VAL C 18 -18.16 15.87 5.84
CA VAL C 18 -18.22 15.94 5.86
C VAL C 18 -17.58 16.15 7.23
N THR C 19 -18.42 16.04 8.25
CA THR C 19 -17.99 16.03 9.63
C THR C 19 -18.59 14.80 10.29
N ILE C 20 -17.81 14.17 11.16
CA ILE C 20 -18.20 12.95 11.87
C ILE C 20 -18.00 13.21 13.36
N SER C 21 -19.06 13.08 14.12
CA SER C 21 -19.03 13.42 15.54
C SER C 21 -18.72 12.21 16.40
N CYS C 22 -18.16 12.48 17.57
CA CYS C 22 -17.84 11.45 18.54
C CYS C 22 -18.10 12.02 19.92
N SER C 23 -18.96 11.37 20.71
CA SER C 23 -19.35 11.91 22.00
C SER C 23 -19.04 10.92 23.11
N GLY C 24 -18.49 11.45 24.21
CA GLY C 24 -18.22 10.68 25.41
C GLY C 24 -18.63 11.36 26.70
N SER C 25 -17.76 11.27 27.72
CA SER C 25 -18.00 11.80 29.05
C SER C 25 -16.73 12.46 29.56
N SER C 26 -16.80 13.01 30.78
CA SER C 26 -15.64 13.68 31.34
C SER C 26 -14.54 12.68 31.63
N SER C 27 -14.90 11.41 31.79
CA SER C 27 -13.90 10.39 32.07
C SER C 27 -13.05 10.09 30.84
N ASN C 28 -13.60 10.27 29.63
CA ASN C 28 -12.82 10.01 28.43
C ASN C 28 -12.60 11.30 27.63
N ILE C 29 -13.45 11.60 26.64
CA ILE C 29 -13.15 12.72 25.74
C ILE C 29 -12.92 14.01 26.53
N GLY C 30 -13.62 14.17 27.65
CA GLY C 30 -13.56 15.42 28.39
C GLY C 30 -12.18 15.77 28.90
N ASN C 31 -11.37 14.76 29.22
CA ASN C 31 -10.09 15.00 29.86
C ASN C 31 -8.93 14.27 29.19
N ASN C 32 -9.14 13.72 28.01
CA ASN C 32 -8.11 12.92 27.36
C ASN C 32 -8.03 13.26 25.88
N TYR C 33 -6.85 13.03 25.32
CA TYR C 33 -6.60 13.29 23.90
C TYR C 33 -7.37 12.31 23.03
N VAL C 34 -7.92 12.82 21.94
CA VAL C 34 -8.70 11.99 21.03
C VAL C 34 -7.91 11.79 19.75
N SER C 35 -7.98 10.56 19.25
CA SER C 35 -7.45 10.21 17.95
CA SER C 35 -7.44 10.15 17.96
C SER C 35 -8.55 9.63 17.08
N TRP C 36 -8.25 9.57 15.78
CA TRP C 36 -9.14 9.07 14.75
C TRP C 36 -8.36 8.19 13.78
N TYR C 37 -8.96 7.12 13.30
CA TYR C 37 -8.37 6.36 12.20
C TYR C 37 -9.44 5.88 11.25
N GLN C 38 -9.01 5.51 10.06
CA GLN C 38 -9.89 5.00 9.02
C GLN C 38 -9.46 3.59 8.67
N HIS C 39 -10.45 2.77 8.37
CA HIS C 39 -10.22 1.43 7.85
C HIS C 39 -11.22 1.15 6.75
N LEU C 40 -10.74 1.11 5.51
CA LEU C 40 -11.52 0.53 4.42
C LEU C 40 -11.17 -0.95 4.28
N PRO C 41 -12.09 -1.87 4.51
CA PRO C 41 -11.78 -3.28 4.38
C PRO C 41 -11.06 -3.55 3.08
N GLY C 42 -9.97 -4.29 3.17
CA GLY C 42 -9.16 -4.63 2.03
C GLY C 42 -7.92 -3.79 1.91
N THR C 43 -7.82 -2.70 2.66
CA THR C 43 -6.66 -1.82 2.61
C THR C 43 -6.15 -1.59 4.01
N ALA C 44 -4.99 -0.96 4.10
CA ALA C 44 -4.35 -0.75 5.40
C ALA C 44 -5.16 0.28 6.20
N PRO C 45 -5.40 0.02 7.48
CA PRO C 45 -5.97 1.07 8.31
C PRO C 45 -4.91 2.14 8.51
N LYS C 46 -5.37 3.35 8.81
CA LYS C 46 -4.44 4.45 8.93
C LYS C 46 -4.92 5.49 9.93
N PHE C 47 -4.01 5.93 10.79
CA PHE C 47 -4.34 7.01 11.70
C PHE C 47 -4.38 8.34 10.97
N LEU C 48 -5.42 9.13 11.24
CA LEU C 48 -5.63 10.44 10.62
C LEU C 48 -5.37 11.61 11.55
N ILE C 49 -5.68 11.47 12.83
CA ILE C 49 -5.64 12.56 13.78
C ILE C 49 -5.27 11.99 15.14
N TYR C 50 -4.49 12.73 15.90
CA TYR C 50 -4.16 12.34 17.27
C TYR C 50 -3.96 13.59 18.08
N ASP C 51 -3.99 13.45 19.41
CA ASP C 51 -3.90 14.59 20.31
C ASP C 51 -4.89 15.69 19.91
N ASN C 52 -6.12 15.28 19.58
CA ASN C 52 -7.25 16.15 19.30
C ASN C 52 -7.18 16.66 17.87
N ASN C 53 -6.05 17.22 17.47
CA ASN C 53 -6.06 17.99 16.23
C ASN C 53 -4.79 17.89 15.40
N LYS C 54 -3.85 16.99 15.73
CA LYS C 54 -2.57 16.86 15.02
C LYS C 54 -2.69 15.79 13.95
N ARG C 55 -2.11 16.06 12.80
CA ARG C 55 -2.07 15.07 11.72
C ARG C 55 -0.77 14.29 11.74
N PRO C 56 -0.86 12.96 11.68
CA PRO C 56 0.35 12.16 11.46
C PRO C 56 1.07 12.56 10.18
N SER C 57 2.36 12.33 10.17
CA SER C 57 3.15 12.54 8.98
C SER C 57 2.53 11.80 7.81
N GLY C 58 2.39 12.48 6.69
CA GLY C 58 1.79 11.83 5.53
C GLY C 58 0.29 12.02 5.37
N ILE C 59 -0.42 12.56 6.36
CA ILE C 59 -1.86 12.80 6.24
C ILE C 59 -2.09 14.23 5.77
N PRO C 60 -2.84 14.45 4.68
CA PRO C 60 -3.02 15.82 4.17
C PRO C 60 -4.03 16.63 4.98
N ASP C 61 -3.92 17.96 4.86
CA ASP C 61 -4.63 18.90 5.72
C ASP C 61 -6.13 18.99 5.42
N ARG C 62 -6.65 18.27 4.43
CA ARG C 62 -8.09 18.24 4.31
C ARG C 62 -8.73 17.38 5.40
N PHE C 63 -7.94 16.71 6.24
CA PHE C 63 -8.44 16.02 7.42
C PHE C 63 -8.16 16.91 8.61
N SER C 64 -9.15 17.10 9.45
CA SER C 64 -8.86 17.90 10.62
C SER C 64 -9.72 17.37 11.76
N GLY C 65 -9.29 17.71 12.96
CA GLY C 65 -9.98 17.31 14.16
C GLY C 65 -10.20 18.51 15.05
N PHE C 66 -11.30 18.44 15.79
CA PHE C 66 -11.62 19.43 16.81
C PHE C 66 -12.22 18.70 18.00
N LYS C 67 -11.93 19.16 19.21
CA LYS C 67 -12.45 18.56 20.43
C LYS C 67 -12.79 19.70 21.36
N SER C 68 -14.03 19.72 21.85
CA SER C 68 -14.49 20.70 22.82
C SER C 68 -15.44 20.04 23.82
N GLY C 69 -15.19 20.24 25.12
CA GLY C 69 -16.00 19.56 26.13
C GLY C 69 -15.89 18.05 25.97
N THR C 70 -17.03 17.37 25.86
CA THR C 70 -17.04 15.90 25.85
C THR C 70 -17.33 15.33 24.48
N SER C 71 -17.04 16.09 23.43
CA SER C 71 -17.27 15.62 22.09
C SER C 71 -16.11 16.01 21.20
N ALA C 72 -15.90 15.21 20.18
CA ALA C 72 -14.85 15.44 19.21
C ALA C 72 -15.43 15.19 17.83
N THR C 73 -14.87 15.90 16.86
CA THR C 73 -15.35 15.85 15.49
C THR C 73 -14.17 15.78 14.55
N LEU C 74 -14.33 14.93 13.52
CA LEU C 74 -13.44 14.79 12.38
C LEU C 74 -14.05 15.49 11.17
N GLY C 75 -13.26 16.32 10.52
CA GLY C 75 -13.68 16.94 9.26
C GLY C 75 -12.83 16.48 8.09
N ILE C 76 -13.48 16.34 6.93
CA ILE C 76 -12.88 15.93 5.66
C ILE C 76 -13.40 16.92 4.62
N THR C 77 -12.52 17.76 4.11
CA THR C 77 -12.92 18.65 3.04
C THR C 77 -12.51 18.07 1.71
N GLY C 78 -13.12 18.57 0.64
CA GLY C 78 -12.79 18.09 -0.67
C GLY C 78 -12.92 16.59 -0.76
N LEU C 79 -14.08 16.07 -0.37
CA LEU C 79 -14.27 14.62 -0.31
C LEU C 79 -13.94 13.96 -1.63
N GLN C 80 -13.22 12.84 -1.54
CA GLN C 80 -12.78 12.03 -2.67
C GLN C 80 -13.40 10.63 -2.57
N THR C 81 -13.60 10.01 -3.74
CA THR C 81 -14.09 8.64 -3.75
C THR C 81 -13.20 7.72 -2.92
N GLY C 82 -11.89 7.99 -2.91
CA GLY C 82 -10.98 7.24 -2.08
C GLY C 82 -11.17 7.43 -0.58
N ASP C 83 -12.06 8.33 -0.15
CA ASP C 83 -12.29 8.52 1.28
C ASP C 83 -13.32 7.56 1.85
N GLU C 84 -13.99 6.77 1.02
CA GLU C 84 -14.87 5.73 1.53
C GLU C 84 -14.13 4.81 2.49
N ALA C 85 -14.65 4.65 3.70
CA ALA C 85 -14.03 3.85 4.73
C ALA C 85 -14.93 3.93 5.95
N ASP C 86 -14.57 3.15 6.96
CA ASP C 86 -15.09 3.28 8.31
C ASP C 86 -14.14 4.16 9.13
N TYR C 87 -14.69 5.08 9.89
CA TYR C 87 -13.90 6.04 10.68
C TYR C 87 -14.18 5.79 12.15
N TYR C 88 -13.11 5.68 12.97
CA TYR C 88 -13.24 5.45 14.41
C TYR C 88 -12.57 6.55 15.23
N CYS C 89 -13.22 6.95 16.33
CA CYS C 89 -12.59 7.79 17.35
C CYS C 89 -12.19 6.95 18.54
N GLY C 90 -11.16 7.41 19.24
CA GLY C 90 -10.63 6.70 20.40
C GLY C 90 -10.00 7.66 21.37
N THR C 91 -10.05 7.30 22.66
CA THR C 91 -9.41 8.09 23.69
C THR C 91 -9.12 7.20 24.91
N TRP C 92 -8.31 7.73 25.82
CA TRP C 92 -8.15 7.10 27.13
C TRP C 92 -9.37 7.39 27.97
N ASP C 93 -9.82 6.38 28.73
CA ASP C 93 -10.94 6.53 29.65
C ASP C 93 -10.40 6.34 31.05
N SER C 94 -10.43 7.41 31.84
CA SER C 94 -9.81 7.41 33.16
C SER C 94 -10.55 6.54 34.17
N SER C 95 -11.80 6.19 33.94
CA SER C 95 -12.48 5.34 34.91
C SER C 95 -12.26 3.86 34.65
N LEU C 96 -11.95 3.50 33.40
CA LEU C 96 -11.60 2.16 33.01
C LEU C 96 -10.10 1.93 33.07
N SER C 97 -9.33 3.01 33.09
CA SER C 97 -7.91 2.95 32.87
C SER C 97 -7.61 2.04 31.67
N ALA C 98 -8.15 2.46 30.53
CA ALA C 98 -8.05 1.75 29.27
C ALA C 98 -8.44 2.69 28.14
N LEU C 99 -7.95 2.36 26.95
CA LEU C 99 -8.46 3.03 25.76
C LEU C 99 -9.85 2.52 25.46
N VAL C 100 -10.69 3.43 24.96
CA VAL C 100 -12.03 3.11 24.48
C VAL C 100 -12.19 3.76 23.12
N PHE C 101 -13.10 3.19 22.30
CA PHE C 101 -13.35 3.61 20.91
C PHE C 101 -14.84 3.73 20.63
N GLY C 102 -15.15 4.55 19.62
CA GLY C 102 -16.52 4.65 19.15
C GLY C 102 -16.85 3.46 18.32
N GLY C 103 -18.14 3.28 18.05
CA GLY C 103 -18.57 2.14 17.28
C GLY C 103 -18.28 2.21 15.79
N GLY C 104 -17.74 3.33 15.30
CA GLY C 104 -17.45 3.40 13.87
C GLY C 104 -18.53 4.14 13.09
N THR C 105 -18.09 4.87 12.05
CA THR C 105 -18.96 5.54 11.09
C THR C 105 -18.58 5.11 9.68
N LYS C 106 -19.54 4.56 8.94
CA LYS C 106 -19.31 4.21 7.56
C LYS C 106 -19.55 5.45 6.71
N LEU C 107 -18.58 5.81 5.90
CA LEU C 107 -18.71 6.97 5.00
C LEU C 107 -18.87 6.46 3.59
N THR C 108 -19.96 6.85 2.95
CA THR C 108 -20.18 6.58 1.54
C THR C 108 -20.03 7.87 0.75
N VAL C 109 -19.29 7.81 -0.34
CA VAL C 109 -19.17 8.91 -1.28
C VAL C 109 -20.12 8.62 -2.42
N LEU C 110 -21.10 9.49 -2.59
CA LEU C 110 -22.22 9.23 -3.49
C LEU C 110 -21.84 9.48 -4.95
N GLN D 1 12.46 -3.36 -32.63
CA GLN D 1 11.61 -4.39 -31.96
C GLN D 1 12.15 -4.74 -30.56
N SER D 2 11.29 -5.31 -29.73
CA SER D 2 11.59 -5.45 -28.31
CA SER D 2 11.60 -5.45 -28.31
C SER D 2 12.67 -6.51 -28.05
N VAL D 3 13.37 -6.35 -26.93
CA VAL D 3 14.39 -7.29 -26.52
C VAL D 3 13.75 -8.61 -26.14
N LEU D 4 12.57 -8.54 -25.52
CA LEU D 4 11.80 -9.73 -25.20
C LEU D 4 10.69 -9.85 -26.20
N THR D 5 10.43 -11.07 -26.65
CA THR D 5 9.47 -11.31 -27.72
C THR D 5 8.18 -11.88 -27.15
N GLN D 6 7.08 -11.18 -27.38
CA GLN D 6 5.72 -11.55 -27.07
C GLN D 6 4.88 -11.55 -28.33
N PRO D 7 3.87 -12.41 -28.41
CA PRO D 7 2.87 -12.28 -29.46
C PRO D 7 2.10 -10.99 -29.31
N PRO D 8 1.85 -10.26 -30.38
CA PRO D 8 1.08 -9.02 -30.24
C PRO D 8 -0.36 -9.22 -29.79
N SER D 9 -0.95 -10.39 -30.05
CA SER D 9 -2.37 -10.62 -29.80
CA SER D 9 -2.35 -10.60 -29.72
C SER D 9 -2.59 -12.05 -29.33
N VAL D 10 -3.60 -12.25 -28.50
CA VAL D 10 -4.11 -13.55 -28.11
C VAL D 10 -5.58 -13.34 -27.75
N SER D 11 -6.40 -14.34 -27.99
CA SER D 11 -7.82 -14.19 -27.74
CA SER D 11 -7.83 -14.20 -27.75
C SER D 11 -8.42 -15.53 -27.34
N ALA D 12 -9.43 -15.48 -26.49
CA ALA D 12 -10.20 -16.65 -26.15
C ALA D 12 -11.54 -16.19 -25.57
N ALA D 13 -12.32 -17.13 -25.22
CA ALA D 13 -13.67 -16.88 -24.74
C ALA D 13 -13.70 -16.96 -23.23
N PRO D 14 -14.71 -16.37 -22.62
CA PRO D 14 -14.83 -16.45 -21.16
C PRO D 14 -14.83 -17.89 -20.69
N GLY D 15 -14.22 -18.11 -19.53
CA GLY D 15 -14.14 -19.44 -18.95
C GLY D 15 -12.88 -20.20 -19.36
N GLN D 16 -12.25 -19.78 -20.45
CA GLN D 16 -11.14 -20.52 -21.05
C GLN D 16 -9.79 -20.04 -20.50
N THR D 17 -8.79 -20.87 -20.70
CA THR D 17 -7.41 -20.55 -20.41
C THR D 17 -6.73 -19.83 -21.58
N VAL D 18 -5.92 -18.82 -21.24
CA VAL D 18 -5.02 -18.15 -22.16
C VAL D 18 -3.63 -18.25 -21.59
N THR D 19 -2.65 -18.30 -22.48
CA THR D 19 -1.26 -18.22 -22.07
C THR D 19 -0.55 -17.23 -22.97
N ILE D 20 0.34 -16.45 -22.38
CA ILE D 20 1.10 -15.45 -23.11
C ILE D 20 2.58 -15.74 -22.93
N SER D 21 3.28 -15.99 -24.03
CA SER D 21 4.70 -16.30 -23.97
C SER D 21 5.53 -15.04 -24.04
N CYS D 22 6.81 -15.21 -23.71
CA CYS D 22 7.77 -14.10 -23.60
C CYS D 22 9.15 -14.72 -23.77
N SER D 23 9.73 -14.58 -24.96
CA SER D 23 10.97 -15.27 -25.30
C SER D 23 12.16 -14.34 -25.19
N GLY D 24 13.27 -14.85 -24.67
CA GLY D 24 14.45 -14.02 -24.47
C GLY D 24 15.72 -14.81 -24.69
N SER D 25 16.76 -14.43 -23.96
CA SER D 25 18.06 -15.05 -24.06
C SER D 25 18.55 -15.39 -22.66
N SER D 26 19.77 -15.96 -22.59
CA SER D 26 20.32 -16.30 -21.28
C SER D 26 20.66 -15.06 -20.46
N SER D 27 20.95 -13.93 -21.11
CA SER D 27 21.34 -12.71 -20.42
C SER D 27 20.16 -12.05 -19.73
N ASN D 28 18.93 -12.27 -20.21
CA ASN D 28 17.74 -11.75 -19.56
C ASN D 28 16.97 -12.91 -18.93
N ILE D 29 15.93 -13.45 -19.60
CA ILE D 29 15.04 -14.45 -18.99
C ILE D 29 15.83 -15.63 -18.44
N GLY D 30 16.86 -16.06 -19.16
CA GLY D 30 17.54 -17.28 -18.79
C GLY D 30 18.07 -17.24 -17.37
N ASN D 31 18.55 -16.07 -16.93
CA ASN D 31 19.24 -15.97 -15.65
C ASN D 31 18.64 -14.94 -14.70
N ASN D 32 17.44 -14.43 -14.97
CA ASN D 32 16.87 -13.35 -14.17
C ASN D 32 15.37 -13.50 -13.96
N TYR D 33 14.87 -12.90 -12.87
CA TYR D 33 13.46 -12.98 -12.48
C TYR D 33 12.55 -12.19 -13.42
N VAL D 34 11.42 -12.79 -13.79
CA VAL D 34 10.50 -12.21 -14.73
C VAL D 34 9.31 -11.67 -13.96
N SER D 35 8.86 -10.48 -14.35
CA SER D 35 7.62 -9.93 -13.85
CA SER D 35 7.66 -9.83 -13.86
C SER D 35 6.66 -9.68 -15.00
N TRP D 36 5.40 -9.56 -14.64
CA TRP D 36 4.36 -9.32 -15.62
C TRP D 36 3.37 -8.28 -15.10
N TYR D 37 2.89 -7.41 -15.98
CA TYR D 37 1.85 -6.46 -15.62
C TYR D 37 0.89 -6.27 -16.79
N GLN D 38 -0.32 -5.81 -16.45
CA GLN D 38 -1.42 -5.53 -17.37
C GLN D 38 -1.73 -4.04 -17.31
N HIS D 39 -2.08 -3.47 -18.44
CA HIS D 39 -2.63 -2.12 -18.51
C HIS D 39 -3.71 -2.04 -19.59
N LEU D 40 -4.93 -1.72 -19.19
CA LEU D 40 -6.02 -1.23 -20.06
C LEU D 40 -6.06 0.29 -20.01
N PRO D 41 -5.96 0.99 -21.15
CA PRO D 41 -6.06 2.45 -21.12
C PRO D 41 -7.33 2.93 -20.43
N GLY D 42 -7.17 3.87 -19.50
CA GLY D 42 -8.27 4.38 -18.71
C GLY D 42 -8.25 3.94 -17.27
N THR D 43 -7.47 2.91 -16.95
CA THR D 43 -7.46 2.27 -15.65
C THR D 43 -6.02 2.10 -15.20
N ALA D 44 -5.86 1.81 -13.93
CA ALA D 44 -4.51 1.72 -13.38
C ALA D 44 -3.78 0.54 -14.00
N PRO D 45 -2.49 0.69 -14.36
CA PRO D 45 -1.62 -0.48 -14.58
C PRO D 45 -1.45 -1.23 -13.29
N LYS D 46 -1.19 -2.54 -13.40
CA LYS D 46 -1.18 -3.42 -12.22
C LYS D 46 -0.30 -4.65 -12.45
N PHE D 47 0.66 -4.88 -11.53
CA PHE D 47 1.52 -6.05 -11.62
C PHE D 47 0.77 -7.30 -11.19
N LEU D 48 1.04 -8.38 -11.90
CA LEU D 48 0.36 -9.65 -11.73
C LEU D 48 1.26 -10.74 -11.20
N ILE D 49 2.52 -10.74 -11.62
CA ILE D 49 3.50 -11.79 -11.33
C ILE D 49 4.84 -11.09 -11.17
N TYR D 50 5.61 -11.54 -10.19
CA TYR D 50 6.98 -11.12 -10.02
C TYR D 50 7.78 -12.35 -9.61
N ASP D 51 9.09 -12.27 -9.75
CA ASP D 51 10.01 -13.33 -9.39
C ASP D 51 9.59 -14.65 -10.02
N ASN D 52 9.27 -14.58 -11.32
CA ASN D 52 8.91 -15.69 -12.17
C ASN D 52 7.48 -16.19 -11.93
N ASN D 53 7.07 -16.35 -10.68
CA ASN D 53 5.87 -17.14 -10.42
C ASN D 53 5.12 -16.71 -9.16
N LYS D 54 5.51 -15.60 -8.52
CA LYS D 54 4.85 -15.13 -7.31
C LYS D 54 3.78 -14.10 -7.64
N ARG D 55 2.69 -14.14 -6.88
CA ARG D 55 1.57 -13.21 -7.08
CA ARG D 55 1.58 -13.21 -7.07
C ARG D 55 1.61 -12.13 -6.01
N PRO D 56 1.61 -10.86 -6.37
CA PRO D 56 1.35 -9.82 -5.38
C PRO D 56 0.09 -10.12 -4.60
N SER D 57 0.02 -9.54 -3.41
CA SER D 57 -1.14 -9.70 -2.56
C SER D 57 -2.39 -9.19 -3.27
N GLY D 58 -3.43 -10.02 -3.33
CA GLY D 58 -4.71 -9.61 -3.91
C GLY D 58 -4.87 -9.94 -5.38
N ILE D 59 -3.83 -10.43 -6.02
CA ILE D 59 -3.98 -10.93 -7.39
C ILE D 59 -4.60 -12.32 -7.32
N PRO D 60 -5.68 -12.58 -8.06
CA PRO D 60 -6.34 -13.89 -7.96
C PRO D 60 -5.47 -15.02 -8.51
N ASP D 61 -5.73 -16.21 -7.98
CA ASP D 61 -4.96 -17.38 -8.33
C ASP D 61 -5.22 -17.85 -9.77
N ARG D 62 -6.12 -17.16 -10.48
CA ARG D 62 -6.31 -17.33 -11.91
C ARG D 62 -5.05 -16.99 -12.71
N PHE D 63 -4.23 -16.09 -12.17
CA PHE D 63 -2.99 -15.69 -12.83
C PHE D 63 -1.82 -16.52 -12.29
N SER D 64 -0.96 -16.97 -13.20
CA SER D 64 0.17 -17.80 -12.81
C SER D 64 1.34 -17.48 -13.71
N GLY D 65 2.54 -17.70 -13.19
CA GLY D 65 3.75 -17.55 -13.98
C GLY D 65 4.61 -18.79 -13.97
N PHE D 66 5.22 -19.08 -15.12
CA PHE D 66 6.13 -20.19 -15.26
C PHE D 66 7.26 -19.73 -16.14
N LYS D 67 8.46 -20.10 -15.78
CA LYS D 67 9.62 -19.81 -16.61
C LYS D 67 10.54 -21.01 -16.64
N SER D 68 11.12 -21.25 -17.80
CA SER D 68 11.99 -22.40 -18.02
C SER D 68 12.93 -22.04 -19.15
N GLY D 69 14.24 -22.25 -18.96
CA GLY D 69 15.19 -21.83 -19.97
C GLY D 69 15.09 -20.34 -20.22
N THR D 70 14.93 -19.95 -21.48
CA THR D 70 14.92 -18.55 -21.89
C THR D 70 13.53 -18.08 -22.29
N SER D 71 12.49 -18.76 -21.85
CA SER D 71 11.11 -18.38 -22.13
CA SER D 71 11.11 -18.36 -22.13
C SER D 71 10.33 -18.30 -20.83
N ALA D 72 9.43 -17.36 -20.76
CA ALA D 72 8.52 -17.23 -19.64
C ALA D 72 7.11 -17.14 -20.16
N THR D 73 6.18 -17.58 -19.34
CA THR D 73 4.78 -17.67 -19.73
C THR D 73 3.91 -17.18 -18.60
N LEU D 74 2.97 -16.30 -18.94
CA LEU D 74 1.86 -15.93 -18.08
C LEU D 74 0.65 -16.79 -18.41
N GLY D 75 0.03 -17.36 -17.40
CA GLY D 75 -1.18 -18.15 -17.56
C GLY D 75 -2.36 -17.46 -16.90
N ILE D 76 -3.51 -17.55 -17.54
CA ILE D 76 -4.73 -16.93 -17.04
C ILE D 76 -5.81 -17.98 -17.19
N THR D 77 -6.36 -18.45 -16.08
CA THR D 77 -7.51 -19.35 -16.16
C THR D 77 -8.80 -18.58 -15.89
N GLY D 78 -9.92 -19.26 -16.10
CA GLY D 78 -11.24 -18.66 -15.89
C GLY D 78 -11.33 -17.29 -16.51
N LEU D 79 -10.95 -17.17 -17.77
CA LEU D 79 -10.80 -15.86 -18.39
C LEU D 79 -12.10 -15.05 -18.28
N GLN D 80 -11.96 -13.80 -17.85
CA GLN D 80 -13.08 -12.88 -17.66
C GLN D 80 -12.97 -11.65 -18.58
N THR D 81 -14.11 -11.01 -18.85
CA THR D 81 -14.10 -9.86 -19.77
C THR D 81 -13.24 -8.70 -19.27
N GLY D 82 -13.11 -8.56 -17.95
CA GLY D 82 -12.28 -7.53 -17.37
C GLY D 82 -10.80 -7.83 -17.39
N ASP D 83 -10.41 -8.99 -17.90
CA ASP D 83 -9.01 -9.28 -18.18
C ASP D 83 -8.51 -8.66 -19.47
N GLU D 84 -9.37 -8.05 -20.28
CA GLU D 84 -8.89 -7.43 -21.50
C GLU D 84 -7.94 -6.30 -21.15
N ALA D 85 -6.79 -6.25 -21.81
CA ALA D 85 -5.76 -5.28 -21.47
C ALA D 85 -4.51 -5.62 -22.26
N ASP D 86 -3.52 -4.73 -22.33
CA ASP D 86 -2.19 -5.13 -22.79
C ASP D 86 -1.34 -5.70 -21.66
N TYR D 87 -0.63 -6.76 -21.97
CA TYR D 87 0.10 -7.54 -20.98
C TYR D 87 1.56 -7.49 -21.35
N TYR D 88 2.41 -7.22 -20.37
CA TYR D 88 3.84 -7.06 -20.62
C TYR D 88 4.67 -7.91 -19.68
N CYS D 89 5.72 -8.54 -20.21
CA CYS D 89 6.73 -9.18 -19.40
C CYS D 89 7.95 -8.29 -19.32
N GLY D 90 8.73 -8.46 -18.26
CA GLY D 90 9.92 -7.67 -18.07
C GLY D 90 10.90 -8.34 -17.14
N THR D 91 12.19 -8.11 -17.39
CA THR D 91 13.25 -8.69 -16.59
C THR D 91 14.48 -7.80 -16.68
N TRP D 92 15.50 -8.10 -15.88
CA TRP D 92 16.80 -7.46 -15.97
C TRP D 92 17.58 -8.14 -17.08
N ASP D 93 18.24 -7.33 -17.93
CA ASP D 93 19.21 -7.86 -18.88
C ASP D 93 20.63 -7.64 -18.36
N SER D 94 21.32 -8.73 -17.99
CA SER D 94 22.65 -8.61 -17.41
CA SER D 94 22.65 -8.60 -17.41
C SER D 94 23.69 -8.13 -18.41
N SER D 95 23.46 -8.36 -19.71
CA SER D 95 24.41 -7.92 -20.73
CA SER D 95 24.41 -7.92 -20.72
C SER D 95 24.27 -6.43 -21.02
N LEU D 96 23.06 -5.88 -20.88
CA LEU D 96 22.81 -4.45 -21.07
C LEU D 96 22.83 -3.66 -19.77
N SER D 97 22.85 -4.33 -18.62
CA SER D 97 22.65 -3.69 -17.32
C SER D 97 21.48 -2.71 -17.35
N ALA D 98 20.35 -3.17 -17.89
CA ALA D 98 19.11 -2.41 -17.93
C ALA D 98 17.92 -3.37 -17.81
N LEU D 99 16.80 -2.87 -17.29
CA LEU D 99 15.54 -3.61 -17.44
C LEU D 99 15.10 -3.59 -18.89
N VAL D 100 14.58 -4.72 -19.35
CA VAL D 100 14.03 -4.84 -20.69
C VAL D 100 12.62 -5.41 -20.58
N PHE D 101 11.78 -5.03 -21.55
CA PHE D 101 10.38 -5.40 -21.57
C PHE D 101 10.03 -6.01 -22.92
N GLY D 102 9.02 -6.88 -22.91
CA GLY D 102 8.38 -7.30 -24.14
C GLY D 102 7.57 -6.20 -24.76
N GLY D 103 7.24 -6.38 -26.04
CA GLY D 103 6.45 -5.40 -26.76
C GLY D 103 4.96 -5.37 -26.46
N GLY D 104 4.46 -6.26 -25.62
CA GLY D 104 3.07 -6.23 -25.20
C GLY D 104 2.19 -7.18 -25.99
N THR D 105 1.28 -7.84 -25.30
CA THR D 105 0.28 -8.70 -25.90
C THR D 105 -1.11 -8.14 -25.57
N LYS D 106 -1.86 -7.82 -26.60
CA LYS D 106 -3.22 -7.34 -26.43
C LYS D 106 -4.12 -8.57 -26.31
N LEU D 107 -4.74 -8.74 -25.14
CA LEU D 107 -5.67 -9.83 -24.91
CA LEU D 107 -5.68 -9.83 -24.89
C LEU D 107 -7.09 -9.35 -25.18
N THR D 108 -7.76 -10.05 -26.09
CA THR D 108 -9.15 -9.76 -26.41
CA THR D 108 -9.14 -9.80 -26.48
C THR D 108 -10.00 -10.97 -26.01
N VAL D 109 -11.17 -10.68 -25.44
CA VAL D 109 -12.08 -11.70 -24.95
C VAL D 109 -13.23 -11.78 -25.94
N LEU D 110 -13.49 -12.95 -26.49
CA LEU D 110 -14.41 -13.06 -27.63
C LEU D 110 -15.78 -13.63 -27.28
ZN ZN E . -2.09 5.46 22.68
C ACT F . 0.15 6.14 24.52
O ACT F . -0.83 5.98 23.81
OXT ACT F . 0.97 5.18 24.44
CH3 ACT F . 0.20 7.39 25.36
H1 ACT F . -0.69 7.99 25.19
H2 ACT F . 0.27 7.12 26.41
H3 ACT F . 1.08 7.98 25.08
C ACT G . -4.25 5.17 20.99
O ACT G . -3.60 4.20 21.46
OXT ACT G . -4.00 6.26 21.54
CH3 ACT G . -5.27 5.06 19.89
H1 ACT G . -5.35 4.02 19.59
H2 ACT G . -4.96 5.67 19.05
H3 ACT G . -6.23 5.41 20.26
ZN ZN H . 12.57 -4.26 -10.65
C ACT I . 14.77 -3.98 -8.49
O ACT I . 14.60 -3.03 -7.66
OXT ACT I . 13.94 -4.07 -9.39
CH3 ACT I . 15.86 -5.03 -8.52
H1 ACT I . 16.53 -4.87 -7.68
H2 ACT I . 16.42 -4.94 -9.45
H3 ACT I . 15.41 -6.02 -8.46
ZN ZN J . 18.51 -1.43 -7.78
C ACT K . 10.50 -4.55 -12.72
O ACT K . 10.64 -5.58 -12.02
OXT ACT K . 11.14 -3.54 -12.37
CH3 ACT K . 9.67 -4.52 -13.96
H1 ACT K . 9.24 -5.50 -14.12
H2 ACT K . 10.29 -4.25 -14.81
H3 ACT K . 8.88 -3.79 -13.84
C ACT L . 18.41 -2.85 -9.80
O ACT L . 17.75 -3.00 -8.74
OXT ACT L . 19.52 -2.27 -9.69
CH3 ACT L . 17.91 -3.37 -11.11
H1 ACT L . 16.94 -3.85 -10.96
H2 ACT L . 17.80 -2.55 -11.82
H3 ACT L . 18.61 -4.11 -11.51
ZN ZN M . -10.74 -2.26 10.96
C ACT N . -13.44 -2.66 9.04
O ACT N . -12.53 -2.57 9.82
OXT ACT N . -13.76 -1.53 8.53
CH3 ACT N . -14.05 -4.02 8.80
H1 ACT N . -13.54 -4.76 9.42
H2 ACT N . -15.10 -4.00 9.07
H3 ACT N . -13.95 -4.29 7.76
C ACT O . -10.69 -5.66 10.66
O ACT O . -11.14 -4.58 11.07
OXT ACT O . -9.45 -5.78 10.64
CH3 ACT O . -11.62 -6.74 10.20
H1 ACT O . -11.05 -7.60 9.85
H2 ACT O . -12.27 -7.04 11.03
H3 ACT O . -12.24 -6.36 9.38
ZN ZN P . -17.72 -1.71 8.59
C ACT Q . -9.32 -2.12 12.80
O ACT Q . -10.34 -1.44 12.98
OXT ACT Q . -9.36 -3.03 11.97
CH3 ACT Q . -8.08 -1.87 13.59
H1 ACT Q . -8.26 -1.04 14.28
H2 ACT Q . -7.27 -1.61 12.91
H3 ACT Q . -7.83 -2.76 14.15
ZN ZN R . 0.45 1.09 -20.72
C ACT S . -1.26 0.23 -22.04
O ACT S . -1.24 1.44 -21.82
OXT ACT S . -0.18 -0.37 -21.84
CH3 ACT S . -2.51 -0.46 -22.46
H1 ACT S . -2.32 -1.52 -22.56
H2 ACT S . -3.29 -0.28 -21.72
H3 ACT S . -2.84 -0.06 -23.43
C ACT T . 2.56 1.45 -19.01
O ACT T . 1.81 2.43 -19.21
OXT ACT T . 2.27 0.38 -19.60
CH3 ACT T . 3.74 1.56 -18.11
H1 ACT T . 3.80 2.58 -17.71
H2 ACT T . 3.64 0.86 -17.28
H3 ACT T . 4.65 1.34 -18.67
ZN ZN U . 12.25 -9.95 -7.06
#